data_1EVB
# 
_entry.id   1EVB 
# 
_audit_conform.dict_name       mmcif_pdbx.dic 
_audit_conform.dict_version    5.381 
_audit_conform.dict_location   http://mmcif.pdb.org/dictionaries/ascii/mmcif_pdbx.dic 
# 
loop_
_database_2.database_id 
_database_2.database_code 
_database_2.pdbx_database_accession 
_database_2.pdbx_DOI 
PDB   1EVB         pdb_00001evb 10.2210/pdb1evb/pdb 
WWPDB D_1000173180 ?            ?                   
# 
_pdbx_database_related.db_name        PDB 
_pdbx_database_related.db_id          1EVA 
_pdbx_database_related.details        . 
_pdbx_database_related.content_type   ensemble 
# 
_pdbx_database_status.status_code                     REL 
_pdbx_database_status.entry_id                        1EVB 
_pdbx_database_status.recvd_initial_deposition_date   1996-02-14 
_pdbx_database_status.deposit_site                    ? 
_pdbx_database_status.process_site                    BNL 
_pdbx_database_status.SG_entry                        . 
_pdbx_database_status.status_code_sf                  ? 
_pdbx_database_status.status_code_mr                  REL 
_pdbx_database_status.status_code_cs                  ? 
_pdbx_database_status.pdb_format_compatible           Y 
_pdbx_database_status.status_code_nmr_data            ? 
_pdbx_database_status.methods_development_category    ? 
# 
loop_
_audit_author.name 
_audit_author.pdbx_ordinal 
'Bagu, J.R.'  1 
'Sykes, B.D.' 2 
# 
loop_
_citation.id 
_citation.title 
_citation.journal_abbrev 
_citation.journal_volume 
_citation.page_first 
_citation.page_last 
_citation.year 
_citation.journal_id_ASTM 
_citation.country 
_citation.journal_id_ISSN 
_citation.journal_id_CSD 
_citation.book_publisher 
_citation.pdbx_database_id_PubMed 
_citation.pdbx_database_id_DOI 
primary 'Comparison of the solution structures of microcystin-LR and motuporin.'                         Nat.Struct.Biol. 2   114 
116 1995 NSBIEW US 1072-8368 2024 ? 7749913 10.1038/nsb0295-114 
1       'Three-Dimensional Structure of the Catalytic Subunit of Protein Serine/Threonine Phosphatase-1' Nature           376 745 
?   1995 NATUAS UK 0028-0836 0006 ? ?       ?                   
# 
loop_
_citation_author.citation_id 
_citation_author.name 
_citation_author.ordinal 
_citation_author.identifier_ORCID 
primary 'Bagu, J.R.'       1  ? 
primary 'Sonnichsen, F.D.' 2  ? 
primary 'Williams, D.'     3  ? 
primary 'Andersen, R.J.'   4  ? 
primary 'Sykes, B.D.'      5  ? 
primary 'Holmes, C.F.'     6  ? 
1       'Goldberg, J.'     7  ? 
1       'Huang, H.'        8  ? 
1       'Kwon, Y.'         9  ? 
1       'Greengard, P.'    10 ? 
1       'Nairn, A.C.'      11 ? 
1       'Kuriyan, J.'      12 ? 
# 
_cell.entry_id           1EVB 
_cell.length_a           1.000 
_cell.length_b           1.000 
_cell.length_c           1.000 
_cell.angle_alpha        90.00 
_cell.angle_beta         90.00 
_cell.angle_gamma        90.00 
_cell.Z_PDB              1 
_cell.pdbx_unique_axis   ? 
# 
_symmetry.entry_id                         1EVB 
_symmetry.space_group_name_H-M             'P 1' 
_symmetry.pdbx_full_space_group_name_H-M   ? 
_symmetry.cell_setting                     ? 
_symmetry.Int_Tables_number                1 
# 
_entity.id                         1 
_entity.type                       polymer 
_entity.src_method                 nat 
_entity.pdbx_description           MICROCYSTIN-LR 
_entity.formula_weight             1014.195 
_entity.pdbx_number_of_molecules   1 
_entity.pdbx_ec                    ? 
_entity.pdbx_mutation              ? 
_entity.pdbx_fragment              ? 
_entity.details                    ? 
# 
_entity_poly.entity_id                      1 
_entity_poly.type                           'polypeptide(L)' 
_entity_poly.nstd_linkage                   no 
_entity_poly.nstd_monomer                   yes 
_entity_poly.pdbx_seq_one_letter_code       '(DAL)L(ACB)R(1ZN)(FGA)(DAM)' 
_entity_poly.pdbx_seq_one_letter_code_can   ALDRXEX 
_entity_poly.pdbx_strand_id                 A 
_entity_poly.pdbx_target_identifier         ? 
# 
loop_
_entity_poly_seq.entity_id 
_entity_poly_seq.num 
_entity_poly_seq.mon_id 
_entity_poly_seq.hetero 
1 1 DAL n 
1 2 LEU n 
1 3 ACB n 
1 4 ARG n 
1 5 1ZN n 
1 6 FGA n 
1 7 DAM n 
# 
_entity_src_nat.entity_id                  1 
_entity_src_nat.pdbx_src_id                1 
_entity_src_nat.pdbx_alt_source_flag       sample 
_entity_src_nat.pdbx_beg_seq_num           ? 
_entity_src_nat.pdbx_end_seq_num           ? 
_entity_src_nat.common_name                ? 
_entity_src_nat.pdbx_organism_scientific   Microcystis 
_entity_src_nat.pdbx_ncbi_taxonomy_id      1125 
_entity_src_nat.genus                      Microcystis 
_entity_src_nat.species                    ? 
_entity_src_nat.strain                     ? 
_entity_src_nat.tissue                     ? 
_entity_src_nat.tissue_fraction            ? 
_entity_src_nat.pdbx_secretion             ? 
_entity_src_nat.pdbx_fragment              ? 
_entity_src_nat.pdbx_variant               ? 
_entity_src_nat.pdbx_cell_line             ? 
_entity_src_nat.pdbx_atcc                  ? 
_entity_src_nat.pdbx_cellular_location     ? 
_entity_src_nat.pdbx_organ                 ? 
_entity_src_nat.pdbx_organelle             ? 
_entity_src_nat.pdbx_cell                  ? 
_entity_src_nat.pdbx_plasmid_name          ? 
_entity_src_nat.pdbx_plasmid_details       ? 
_entity_src_nat.details                    ? 
# 
_struct_ref.id                         1 
_struct_ref.db_name                    NOR 
_struct_ref.db_code                    NOR00109 
_struct_ref.pdbx_db_accession          NOR00109 
_struct_ref.entity_id                  1 
_struct_ref.pdbx_seq_one_letter_code   '(DAL)L(ACB)R(1ZN)(FGA)(DAM)' 
_struct_ref.pdbx_align_begin           1 
_struct_ref.pdbx_db_isoform            ? 
# 
_struct_ref_seq.align_id                      1 
_struct_ref_seq.ref_id                        1 
_struct_ref_seq.pdbx_PDB_id_code              1EVB 
_struct_ref_seq.pdbx_strand_id                A 
_struct_ref_seq.seq_align_beg                 1 
_struct_ref_seq.pdbx_seq_align_beg_ins_code   ? 
_struct_ref_seq.seq_align_end                 7 
_struct_ref_seq.pdbx_seq_align_end_ins_code   ? 
_struct_ref_seq.pdbx_db_accession             NOR00109 
_struct_ref_seq.db_align_beg                  1 
_struct_ref_seq.pdbx_db_align_beg_ins_code    ? 
_struct_ref_seq.db_align_end                  7 
_struct_ref_seq.pdbx_db_align_end_ins_code    ? 
_struct_ref_seq.pdbx_auth_seq_align_beg       1 
_struct_ref_seq.pdbx_auth_seq_align_end       7 
# 
loop_
_chem_comp.id 
_chem_comp.type 
_chem_comp.mon_nstd_flag 
_chem_comp.name 
_chem_comp.pdbx_synonyms 
_chem_comp.formula 
_chem_comp.formula_weight 
1ZN peptide-like                       . '(2S,3S,4E,6E,8S,9S)-3-amino-9-methoxy-2,6,8-trimethyl-10-phenyldeca-4,6-dienoic acid' ? 
'C20 H29 N O3'   331.449 
ACB 'D-beta-peptide, C-gamma linking'  . '3-METHYL-BETA-D-ASPARTIC ACID'                                                        
'(3S)-3-methyl-D-aspartic acid; D-METHYL ASPARTIC ACID' 'C5 H9 N O4'     147.129 
ARG 'L-peptide linking'                y ARGININE                                                                               ? 
'C6 H15 N4 O2 1' 175.209 
DAL 'D-peptide linking'                . D-ALANINE                                                                              ? 
'C3 H7 N O2'     89.093  
DAM 'peptide linking'                  . N-METHYL-ALPHA-BETA-DEHYDROALANINE                                                     ? 
'C4 H7 N O2'     101.104 
FGA 'D-gamma-peptide, C-delta linking' . 'GAMMA-D-GLUTAMIC ACID'                                                                
'D-GLUTAMIC ACID'                                       'C5 H9 N O4'     147.129 
LEU 'L-peptide linking'                y LEUCINE                                                                                ? 
'C6 H13 N O2'    131.173 
# 
_pdbx_nmr_exptl_sample_conditions.conditions_id       1 
_pdbx_nmr_exptl_sample_conditions.temperature         278 
_pdbx_nmr_exptl_sample_conditions.pressure            ? 
_pdbx_nmr_exptl_sample_conditions.pH                  7 
_pdbx_nmr_exptl_sample_conditions.ionic_strength      ? 
_pdbx_nmr_exptl_sample_conditions.pressure_units      . 
_pdbx_nmr_exptl_sample_conditions.temperature_units   K 
# 
_pdbx_nmr_ensemble.entry_id                                      1EVB 
_pdbx_nmr_ensemble.conformers_calculated_total_number            ? 
_pdbx_nmr_ensemble.conformers_submitted_total_number             1 
_pdbx_nmr_ensemble.conformer_selection_criteria                  ? 
_pdbx_nmr_ensemble.average_constraints_per_residue               ? 
_pdbx_nmr_ensemble.average_constraint_violations_per_residue     ? 
_pdbx_nmr_ensemble.maximum_distance_constraint_violation         ? 
_pdbx_nmr_ensemble.average_distance_constraint_violation         ? 
_pdbx_nmr_ensemble.maximum_upper_distance_constraint_violation   ? 
_pdbx_nmr_ensemble.maximum_lower_distance_constraint_violation   ? 
_pdbx_nmr_ensemble.distance_constraint_violation_method          ? 
_pdbx_nmr_ensemble.maximum_torsion_angle_constraint_violation    ? 
_pdbx_nmr_ensemble.average_torsion_angle_constraint_violation    ? 
_pdbx_nmr_ensemble.torsion_angle_constraint_violation_method     ? 
# 
_pdbx_nmr_software.classification   refinement 
_pdbx_nmr_software.name             DGII 
_pdbx_nmr_software.version          ? 
_pdbx_nmr_software.authors          HAVEL 
_pdbx_nmr_software.ordinal          1 
# 
_exptl.entry_id          1EVB 
_exptl.method            'SOLUTION NMR' 
_exptl.crystals_number   ? 
# 
_struct.entry_id                  1EVB 
_struct.title                     'NMR structure of cyanobacterial toxin, phosphatase-1/-2A inhibitor' 
_struct.pdbx_model_details        ? 
_struct.pdbx_CASP_flag            ? 
_struct.pdbx_model_type_details   ? 
# 
_struct_keywords.entry_id        1EVB 
_struct_keywords.pdbx_keywords   'hydrolase inhibitor, toxin' 
_struct_keywords.text            'TOXIN, hydrolase inhibitor' 
# 
_struct_asym.id                            A 
_struct_asym.pdbx_blank_PDB_chainid_flag   Y 
_struct_asym.pdbx_modified                 N 
_struct_asym.entity_id                     1 
_struct_asym.details                       ? 
# 
loop_
_struct_conn.id 
_struct_conn.conn_type_id 
_struct_conn.pdbx_leaving_atom_flag 
_struct_conn.pdbx_PDB_id 
_struct_conn.ptnr1_label_asym_id 
_struct_conn.ptnr1_label_comp_id 
_struct_conn.ptnr1_label_seq_id 
_struct_conn.ptnr1_label_atom_id 
_struct_conn.pdbx_ptnr1_label_alt_id 
_struct_conn.pdbx_ptnr1_PDB_ins_code 
_struct_conn.pdbx_ptnr1_standard_comp_id 
_struct_conn.ptnr1_symmetry 
_struct_conn.ptnr2_label_asym_id 
_struct_conn.ptnr2_label_comp_id 
_struct_conn.ptnr2_label_seq_id 
_struct_conn.ptnr2_label_atom_id 
_struct_conn.pdbx_ptnr2_label_alt_id 
_struct_conn.pdbx_ptnr2_PDB_ins_code 
_struct_conn.ptnr1_auth_asym_id 
_struct_conn.ptnr1_auth_comp_id 
_struct_conn.ptnr1_auth_seq_id 
_struct_conn.ptnr2_auth_asym_id 
_struct_conn.ptnr2_auth_comp_id 
_struct_conn.ptnr2_auth_seq_id 
_struct_conn.ptnr2_symmetry 
_struct_conn.pdbx_ptnr3_label_atom_id 
_struct_conn.pdbx_ptnr3_label_seq_id 
_struct_conn.pdbx_ptnr3_label_comp_id 
_struct_conn.pdbx_ptnr3_label_asym_id 
_struct_conn.pdbx_ptnr3_label_alt_id 
_struct_conn.pdbx_ptnr3_PDB_ins_code 
_struct_conn.details 
_struct_conn.pdbx_dist_value 
_struct_conn.pdbx_value_order 
_struct_conn.pdbx_role 
covale1 covale both ? A DAL 1 C  ? ? ? 1_555 A LEU 2 N ? ? A DAL 1 A LEU 2 1_555 ? ? ? ? ? ? ? 1.321 ? ? 
covale2 covale both ? A DAL 1 N  ? ? ? 1_555 A DAM 7 C ? ? A DAL 1 A DAM 7 1_555 ? ? ? ? ? ? ? 1.321 ? ? 
covale3 covale both ? A LEU 2 C  ? ? ? 1_555 A ACB 3 N ? ? A LEU 2 A ACB 3 1_555 ? ? ? ? ? ? ? 1.320 ? ? 
covale4 covale both ? A ACB 3 CG ? ? ? 1_555 A ARG 4 N ? ? A ACB 3 A ARG 4 1_555 ? ? ? ? ? ? ? 1.320 ? ? 
covale5 covale both ? A ARG 4 C  ? ? ? 1_555 A 1ZN 5 N ? ? A ARG 4 A 1ZN 5 1_555 ? ? ? ? ? ? ? 1.320 ? ? 
covale6 covale both ? A 1ZN 5 C  ? ? ? 1_555 A FGA 6 N ? ? A 1ZN 5 A FGA 6 1_555 ? ? ? ? ? ? ? 1.320 ? ? 
covale7 covale both ? A FGA 6 CD ? ? ? 1_555 A DAM 7 N ? ? A FGA 6 A DAM 7 1_555 ? ? ? ? ? ? ? 1.320 ? ? 
# 
_struct_conn_type.id          covale 
_struct_conn_type.criteria    ? 
_struct_conn_type.reference   ? 
# 
_atom_sites.entry_id                    1EVB 
_atom_sites.fract_transf_matrix[1][1]   1.000000 
_atom_sites.fract_transf_matrix[1][2]   0.000000 
_atom_sites.fract_transf_matrix[1][3]   0.000000 
_atom_sites.fract_transf_matrix[2][1]   0.000000 
_atom_sites.fract_transf_matrix[2][2]   1.000000 
_atom_sites.fract_transf_matrix[2][3]   0.000000 
_atom_sites.fract_transf_matrix[3][1]   0.000000 
_atom_sites.fract_transf_matrix[3][2]   0.000000 
_atom_sites.fract_transf_matrix[3][3]   1.000000 
_atom_sites.fract_transf_vector[1]      0.00000 
_atom_sites.fract_transf_vector[2]      0.00000 
_atom_sites.fract_transf_vector[3]      0.00000 
# 
loop_
_atom_type.symbol 
C 
H 
N 
O 
# 
loop_
_atom_site.group_PDB 
_atom_site.id 
_atom_site.type_symbol 
_atom_site.label_atom_id 
_atom_site.label_alt_id 
_atom_site.label_comp_id 
_atom_site.label_asym_id 
_atom_site.label_entity_id 
_atom_site.label_seq_id 
_atom_site.pdbx_PDB_ins_code 
_atom_site.Cartn_x 
_atom_site.Cartn_y 
_atom_site.Cartn_z 
_atom_site.occupancy 
_atom_site.B_iso_or_equiv 
_atom_site.pdbx_formal_charge 
_atom_site.auth_seq_id 
_atom_site.auth_comp_id 
_atom_site.auth_asym_id 
_atom_site.auth_atom_id 
_atom_site.pdbx_PDB_model_num 
HETATM 1   N N    . DAL A 1 1 ? -1.415 2.596   -3.107 1.00 0.00 ? 1 DAL A N    1 
HETATM 2   C CA   . DAL A 1 1 ? -2.135 1.756   -4.060 1.00 0.00 ? 1 DAL A CA   1 
HETATM 3   C CB   . DAL A 1 1 ? -3.482 1.542   -3.518 1.00 0.00 ? 1 DAL A CB   1 
HETATM 4   C C    . DAL A 1 1 ? -1.508 0.442   -4.462 1.00 0.00 ? 1 DAL A C    1 
HETATM 5   O O    . DAL A 1 1 ? -2.069 -0.282  -5.235 1.00 0.00 ? 1 DAL A O    1 
HETATM 6   H H1   . DAL A 1 1 ? -1.075 1.891   -2.437 1.00 0.00 ? 1 DAL A H1   1 
HETATM 7   H HA   . DAL A 1 1 ? -2.171 2.400   -4.937 1.00 0.00 ? 1 DAL A HA   1 
HETATM 8   H HB1  . DAL A 1 1 ? -3.424 0.896   -2.642 1.00 0.00 ? 1 DAL A HB1  1 
HETATM 9   H HB2  . DAL A 1 1 ? -3.916 2.500   -3.234 1.00 0.00 ? 1 DAL A HB2  1 
HETATM 10  H HB3  . DAL A 1 1 ? -4.108 1.071   -4.276 1.00 0.00 ? 1 DAL A HB3  1 
ATOM   11  N N    . LEU A 1 2 ? -0.338 0.107   -3.949 1.00 0.00 ? 2 LEU A N    1 
ATOM   12  C CA   . LEU A 1 2 ? 0.392  -1.126  -4.234 1.00 0.00 ? 2 LEU A CA   1 
ATOM   13  C C    . LEU A 1 2 ? 0.052  -2.150  -3.177 1.00 0.00 ? 2 LEU A C    1 
ATOM   14  O O    . LEU A 1 2 ? -0.236 -3.289  -3.476 1.00 0.00 ? 2 LEU A O    1 
ATOM   15  C CB   . LEU A 1 2 ? 1.883  -0.840  -4.286 1.00 0.00 ? 2 LEU A CB   1 
ATOM   16  C CG   . LEU A 1 2 ? 2.351  0.396   -4.951 1.00 0.00 ? 2 LEU A CG   1 
ATOM   17  C CD1  . LEU A 1 2 ? 3.671  0.836   -4.642 1.00 0.00 ? 2 LEU A CD1  1 
ATOM   18  C CD2  . LEU A 1 2 ? 2.264  0.275   -6.322 1.00 0.00 ? 2 LEU A CD2  1 
ATOM   19  H H    . LEU A 1 2 ? 0.096  0.771   -3.293 1.00 0.00 ? 2 LEU A H    1 
ATOM   20  H HA   . LEU A 1 2 ? 0.020  -1.514  -5.183 1.00 0.00 ? 2 LEU A HA   1 
ATOM   21  H HB2  . LEU A 1 2 ? 2.217  -0.793  -3.249 1.00 0.00 ? 2 LEU A HB2  1 
ATOM   22  H HB3  . LEU A 1 2 ? 2.333  -1.680  -4.815 1.00 0.00 ? 2 LEU A HB3  1 
ATOM   23  H HG   . LEU A 1 2 ? 1.659  1.150   -4.574 1.00 0.00 ? 2 LEU A HG   1 
ATOM   24  H HD11 . LEU A 1 2 ? 3.776  0.943   -3.563 1.00 0.00 ? 2 LEU A HD11 1 
ATOM   25  H HD12 . LEU A 1 2 ? 4.392  0.104   -5.007 1.00 0.00 ? 2 LEU A HD12 1 
ATOM   26  H HD13 . LEU A 1 2 ? 3.855  1.797   -5.123 1.00 0.00 ? 2 LEU A HD13 1 
ATOM   27  H HD21 . LEU A 1 2 ? 1.264  -0.061  -6.595 1.00 0.00 ? 2 LEU A HD21 1 
ATOM   28  H HD22 . LEU A 1 2 ? 2.462  1.241   -6.785 1.00 0.00 ? 2 LEU A HD22 1 
ATOM   29  H HD23 . LEU A 1 2 ? 2.998  -0.452  -6.669 1.00 0.00 ? 2 LEU A HD23 1 
HETATM 30  C C    . ACB A 1 3 ? 1.054  -2.885  0.099  1.00 0.00 ? 3 ACB A C    1 
HETATM 31  O O    . ACB A 1 3 ? 2.007  -2.104  0.150  1.00 0.00 ? 3 ACB A O    1 
HETATM 32  O OXT  . ACB A 1 3 ? 1.081  -3.920  0.768  1.00 0.00 ? 3 ACB A OXT  1 
HETATM 33  C CA   . ACB A 1 3 ? -0.194 -2.576  -0.762 1.00 0.00 ? 3 ACB A CA   1 
HETATM 34  N N    . ACB A 1 3 ? 0.093  -1.735  -1.924 1.00 0.00 ? 3 ACB A N    1 
HETATM 35  C CB   . ACB A 1 3 ? -1.467 -2.303  0.003  1.00 0.00 ? 3 ACB A CB   1 
HETATM 36  C CG   . ACB A 1 3 ? -1.370 -1.283  1.112  1.00 0.00 ? 3 ACB A CG   1 
HETATM 37  C C4   . ACB A 1 3 ? -2.629 -1.975  -0.921 1.00 0.00 ? 3 ACB A C4   1 
HETATM 38  O OD2  . ACB A 1 3 ? -0.790 -0.228  0.945  1.00 0.00 ? 3 ACB A OD2  1 
HETATM 39  H HA   . ACB A 1 3 ? -0.360 -3.446  -1.398 1.00 0.00 ? 3 ACB A HA   1 
HETATM 40  H H    . ACB A 1 3 ? 0.346  -0.752  -1.753 1.00 0.00 ? 3 ACB A H    1 
HETATM 41  H HB3  . ACB A 1 3 ? -1.663 -3.185  0.612  1.00 0.00 ? 3 ACB A HB3  1 
HETATM 42  H H41  . ACB A 1 3 ? -2.810 -2.815  -1.591 1.00 0.00 ? 3 ACB A H41  1 
HETATM 43  H H42  . ACB A 1 3 ? -3.523 -1.784  -0.327 1.00 0.00 ? 3 ACB A H42  1 
HETATM 44  H H43  . ACB A 1 3 ? -2.388 -1.088  -1.508 1.00 0.00 ? 3 ACB A H43  1 
ATOM   45  N N    . ARG A 1 4 ? -1.945 -1.606  2.256  1.00 0.00 ? 4 ARG A N    1 
ATOM   46  C CA   . ARG A 1 4 ? -1.903 -0.776  3.456  1.00 0.00 ? 4 ARG A CA   1 
ATOM   47  C C    . ARG A 1 4 ? -0.846 -1.245  4.428  1.00 0.00 ? 4 ARG A C    1 
ATOM   48  O O    . ARG A 1 4 ? -0.798 -0.775  5.473  1.00 0.00 ? 4 ARG A O    1 
ATOM   49  C CB   . ARG A 1 4 ? -3.188 -0.778  4.287  1.00 0.00 ? 4 ARG A CB   1 
ATOM   50  C CG   . ARG A 1 4 ? -4.308 -0.394  3.427  1.00 0.00 ? 4 ARG A CG   1 
ATOM   51  C CD   . ARG A 1 4 ? -5.626 -0.905  3.737  1.00 0.00 ? 4 ARG A CD   1 
ATOM   52  N NE   . ARG A 1 4 ? -6.419 -0.063  4.561  1.00 0.00 ? 4 ARG A NE   1 
ATOM   53  C CZ   . ARG A 1 4 ? -7.735 -0.235  4.659  1.00 0.00 ? 4 ARG A CZ   1 
ATOM   54  N NH1  . ARG A 1 4 ? -8.376 -1.373  4.382  1.00 0.00 ? 4 ARG A NH1  1 
ATOM   55  N NH2  . ARG A 1 4 ? -8.464 0.783   5.062  1.00 0.00 ? 4 ARG A NH2  1 
ATOM   56  H H    . ARG A 1 4 ? -2.457 -2.498  2.304  1.00 0.00 ? 4 ARG A H    1 
ATOM   57  H HA   . ARG A 1 4 ? -1.612 0.213   3.103  1.00 0.00 ? 4 ARG A HA   1 
ATOM   58  H HB2  . ARG A 1 4 ? -3.350 -1.780  4.725  1.00 0.00 ? 4 ARG A HB2  1 
ATOM   59  H HB3  . ARG A 1 4 ? -3.125 -0.027  5.093  1.00 0.00 ? 4 ARG A HB3  1 
ATOM   60  H HG2  . ARG A 1 4 ? -4.260 0.668   3.173  1.00 0.00 ? 4 ARG A HG2  1 
ATOM   61  H HG3  . ARG A 1 4 ? -4.185 -1.016  2.542  1.00 0.00 ? 4 ARG A HG3  1 
ATOM   62  H HD2  . ARG A 1 4 ? -6.082 -0.796  2.749  1.00 0.00 ? 4 ARG A HD2  1 
ATOM   63  H HD3  . ARG A 1 4 ? -5.582 -1.950  4.075  1.00 0.00 ? 4 ARG A HD3  1 
ATOM   64  H HE   . ARG A 1 4 ? -6.085 0.890   4.679  1.00 0.00 ? 4 ARG A HE   1 
ATOM   65  H HH11 . ARG A 1 4 ? -7.790 -2.154  4.070  1.00 0.00 ? 4 ARG A HH11 1 
ATOM   66  H HH12 . ARG A 1 4 ? -9.396 -1.376  4.484  1.00 0.00 ? 4 ARG A HH12 1 
ATOM   67  H HH21 . ARG A 1 4 ? -7.966 1.656   5.266  1.00 0.00 ? 4 ARG A HH21 1 
ATOM   68  H HH22 . ARG A 1 4 ? -9.476 0.629   5.112  1.00 0.00 ? 4 ARG A HH22 1 
HETATM 69  C C1   . 1ZN A 1 5 ? -1.682 -7.727  10.878 1.00 0.00 ? 5 1ZN A C1   1 
HETATM 70  O O1   . 1ZN A 1 5 ? -0.427 -7.173  10.722 1.00 0.00 ? 5 1ZN A O1   1 
HETATM 71  C C2   . 1ZN A 1 5 ? 0.352  -7.690  9.738  1.00 0.00 ? 5 1ZN A C2   1 
HETATM 72  C C3   . 1ZN A 1 5 ? 0.576  -9.193  9.827  1.00 0.00 ? 5 1ZN A C3   1 
HETATM 73  C C4   . 1ZN A 1 5 ? 0.879  -9.834  11.144 1.00 0.00 ? 5 1ZN A C4   1 
HETATM 74  C C5   . 1ZN A 1 5 ? 0.196  -11.012 11.492 1.00 0.00 ? 5 1ZN A C5   1 
HETATM 75  C C6   . 1ZN A 1 5 ? 0.527  -11.711 12.647 1.00 0.00 ? 5 1ZN A C6   1 
HETATM 76  C C7   . 1ZN A 1 5 ? 1.549  -11.249 13.467 1.00 0.00 ? 5 1ZN A C7   1 
HETATM 77  C C8   . 1ZN A 1 5 ? 2.241  -10.086 13.135 1.00 0.00 ? 5 1ZN A C8   1 
HETATM 78  C C9   . 1ZN A 1 5 ? 1.914  -9.385  11.975 1.00 0.00 ? 5 1ZN A C9   1 
HETATM 79  C C10  . 1ZN A 1 5 ? -0.235 -7.377  8.425  1.00 0.00 ? 5 1ZN A C10  1 
HETATM 80  C C11  . 1ZN A 1 5 ? -1.580 -7.895  8.025  1.00 0.00 ? 5 1ZN A C11  1 
HETATM 81  C C12  . 1ZN A 1 5 ? -0.071 -5.921  8.060  1.00 0.00 ? 5 1ZN A C12  1 
HETATM 82  C C13  . 1ZN A 1 5 ? 0.406  -5.579  6.870  1.00 0.00 ? 5 1ZN A C13  1 
HETATM 83  C C14  . 1ZN A 1 5 ? 0.815  -6.744  6.026  1.00 0.00 ? 5 1ZN A C14  1 
HETATM 84  C C15  . 1ZN A 1 5 ? 0.510  -4.308  6.517  1.00 0.00 ? 5 1ZN A C15  1 
HETATM 85  C C16  . 1ZN A 1 5 ? 0.872  -4.003  5.274  1.00 0.00 ? 5 1ZN A C16  1 
HETATM 86  C CA   . 1ZN A 1 5 ? 1.165  -2.656  4.851  1.00 0.00 ? 5 1ZN A CA   1 
HETATM 87  N N    . 1ZN A 1 5 ? 0.041  -2.151  4.060  1.00 0.00 ? 5 1ZN A N    1 
HETATM 88  C C18  . 1ZN A 1 5 ? 2.494  -2.464  4.161  1.00 0.00 ? 5 1ZN A C18  1 
HETATM 89  C C19  . 1ZN A 1 5 ? 3.644  -3.221  4.786  1.00 0.00 ? 5 1ZN A C19  1 
HETATM 90  C C    . 1ZN A 1 5 ? 2.831  -1.020  3.934  1.00 0.00 ? 5 1ZN A C    1 
HETATM 91  O O    . 1ZN A 1 5 ? 3.294  -0.334  4.808  1.00 0.00 ? 5 1ZN A O    1 
HETATM 92  H H1   . 1ZN A 1 5 ? -2.385 -7.169  10.252 1.00 0.00 ? 5 1ZN A H1   1 
HETATM 93  H H29  . 1ZN A 1 5 ? -1.741 -8.802  10.611 1.00 0.00 ? 5 1ZN A H29  1 
HETATM 94  H H3   . 1ZN A 1 5 ? -1.827 -7.588  11.914 1.00 0.00 ? 5 1ZN A H3   1 
HETATM 95  H H4   . 1ZN A 1 5 ? 1.295  -7.154  9.813  1.00 0.00 ? 5 1ZN A H4   1 
HETATM 96  H H5   . 1ZN A 1 5 ? -0.348 -9.662  9.472  1.00 0.00 ? 5 1ZN A H5   1 
HETATM 97  H H6   . 1ZN A 1 5 ? 1.310  -9.423  9.051  1.00 0.00 ? 5 1ZN A H6   1 
HETATM 98  H H7   . 1ZN A 1 5 ? -0.584 -11.412 10.858 1.00 0.00 ? 5 1ZN A H7   1 
HETATM 99  H H8   . 1ZN A 1 5 ? 0.001  -12.623 12.893 1.00 0.00 ? 5 1ZN A H8   1 
HETATM 100 H H9   . 1ZN A 1 5 ? 1.811  -11.803 14.357 1.00 0.00 ? 5 1ZN A H9   1 
HETATM 101 H H10  . 1ZN A 1 5 ? 3.043  -9.740  13.771 1.00 0.00 ? 5 1ZN A H10  1 
HETATM 102 H H11  . 1ZN A 1 5 ? 2.480  -8.501  11.717 1.00 0.00 ? 5 1ZN A H11  1 
HETATM 103 H H12  . 1ZN A 1 5 ? 0.384  -8.056  7.841  1.00 0.00 ? 5 1ZN A H12  1 
HETATM 104 H H13  . 1ZN A 1 5 ? -1.632 -8.127  6.969  1.00 0.00 ? 5 1ZN A H13  1 
HETATM 105 H H14  . 1ZN A 1 5 ? -1.762 -8.836  8.537  1.00 0.00 ? 5 1ZN A H14  1 
HETATM 106 H H15  . 1ZN A 1 5 ? -2.345 -7.172  8.309  1.00 0.00 ? 5 1ZN A H15  1 
HETATM 107 H H16  . 1ZN A 1 5 ? -0.379 -5.170  8.780  1.00 0.00 ? 5 1ZN A H16  1 
HETATM 108 H H17  . 1ZN A 1 5 ? 1.615  -7.234  6.614  1.00 0.00 ? 5 1ZN A H17  1 
HETATM 109 H H18  . 1ZN A 1 5 ? -0.094 -7.358  5.949  1.00 0.00 ? 5 1ZN A H18  1 
HETATM 110 H H19  . 1ZN A 1 5 ? 1.163  -6.596  5.031  1.00 0.00 ? 5 1ZN A H19  1 
HETATM 111 H H20  . 1ZN A 1 5 ? 0.309  -3.507  7.234  1.00 0.00 ? 5 1ZN A H20  1 
HETATM 112 H H21  . 1ZN A 1 5 ? 1.016  -4.728  4.478  1.00 0.00 ? 5 1ZN A H21  1 
HETATM 113 H HA   . 1ZN A 1 5 ? 1.123  -1.960  5.689  1.00 0.00 ? 5 1ZN A HA   1 
HETATM 114 H H    . 1ZN A 1 5 ? -0.069 -2.545  3.115  1.00 0.00 ? 5 1ZN A H    1 
HETATM 115 H H25  . 1ZN A 1 5 ? 2.381  -2.803  3.132  1.00 0.00 ? 5 1ZN A H25  1 
HETATM 116 H H26  . 1ZN A 1 5 ? 3.431  -4.290  4.765  1.00 0.00 ? 5 1ZN A H26  1 
HETATM 117 H H27  . 1ZN A 1 5 ? 4.557  -3.023  4.225  1.00 0.00 ? 5 1ZN A H27  1 
HETATM 118 H H28  . 1ZN A 1 5 ? 3.775  -2.897  5.818  1.00 0.00 ? 5 1ZN A H28  1 
HETATM 119 N N    . FGA A 1 6 ? 2.594  -0.548  2.724  1.00 0.00 ? 6 FGA A N    1 
HETATM 120 C CA   . FGA A 1 6 ? 2.862  0.826   2.307  1.00 0.00 ? 6 FGA A CA   1 
HETATM 121 C C    . FGA A 1 6 ? 4.386  1.126   2.384  1.00 0.00 ? 6 FGA A C    1 
HETATM 122 O O    . FGA A 1 6 ? 5.195  0.412   1.787  1.00 0.00 ? 6 FGA A O    1 
HETATM 123 C CB   . FGA A 1 6 ? 2.305  1.248   0.957  1.00 0.00 ? 6 FGA A CB   1 
HETATM 124 C CG   . FGA A 1 6 ? 2.340  2.729   1.197  1.00 0.00 ? 6 FGA A CG   1 
HETATM 125 C CD   . FGA A 1 6 ? 1.237  3.294   0.317  1.00 0.00 ? 6 FGA A CD   1 
HETATM 126 O OE1  . FGA A 1 6 ? 0.391  2.806   1.016  1.00 0.00 ? 6 FGA A OE1  1 
HETATM 127 H H    . FGA A 1 6 ? 2.191  -1.191  2.028  1.00 0.00 ? 6 FGA A H    1 
HETATM 128 H HA   . FGA A 1 6 ? 2.394  1.376   3.123  1.00 0.00 ? 6 FGA A HA   1 
HETATM 129 H HB2  . FGA A 1 6 ? 3.081  0.956   0.249  1.00 0.00 ? 6 FGA A HB2  1 
HETATM 130 H HB3  . FGA A 1 6 ? 1.392  0.661   0.854  1.00 0.00 ? 6 FGA A HB3  1 
HETATM 131 H HG2  . FGA A 1 6 ? 3.231  3.115   0.702  1.00 0.00 ? 6 FGA A HG2  1 
HETATM 132 H HG3  . FGA A 1 6 ? 2.115  3.198   2.154  1.00 0.00 ? 6 FGA A HG3  1 
HETATM 133 N N    . DAM A 1 7 ? 0.890  4.009   -0.736 1.00 0.00 ? 7 DAM A N    1 
HETATM 134 C CM   . DAM A 1 7 ? 2.254  4.327   -1.111 1.00 0.00 ? 7 DAM A CM   1 
HETATM 135 C CA   . DAM A 1 7 ? -0.188 4.553   -1.558 1.00 0.00 ? 7 DAM A CA   1 
HETATM 136 C CB   . DAM A 1 7 ? -0.450 5.693   -1.420 1.00 0.00 ? 7 DAM A CB   1 
HETATM 137 C C    . DAM A 1 7 ? -0.932 3.704   -2.576 1.00 0.00 ? 7 DAM A C    1 
HETATM 138 O O    . DAM A 1 7 ? -1.145 4.763   -3.099 1.00 0.00 ? 7 DAM A O    1 
HETATM 139 H HM1  . DAM A 1 7 ? 2.400  5.406   -1.069 1.00 0.00 ? 7 DAM A HM1  1 
HETATM 140 H HM2  . DAM A 1 7 ? 2.943  3.839   -0.422 1.00 0.00 ? 7 DAM A HM2  1 
HETATM 141 H HM3  . DAM A 1 7 ? 2.444  3.975   -2.125 1.00 0.00 ? 7 DAM A HM3  1 
HETATM 142 H HB1  . DAM A 1 7 ? -1.247 6.145   -2.011 1.00 0.00 ? 7 DAM A HB1  1 
HETATM 143 H HB2  . DAM A 1 7 ? 0.102  6.297   -0.700 1.00 0.00 ? 7 DAM A HB2  1 
# 
loop_
_pdbx_poly_seq_scheme.asym_id 
_pdbx_poly_seq_scheme.entity_id 
_pdbx_poly_seq_scheme.seq_id 
_pdbx_poly_seq_scheme.mon_id 
_pdbx_poly_seq_scheme.ndb_seq_num 
_pdbx_poly_seq_scheme.pdb_seq_num 
_pdbx_poly_seq_scheme.auth_seq_num 
_pdbx_poly_seq_scheme.pdb_mon_id 
_pdbx_poly_seq_scheme.auth_mon_id 
_pdbx_poly_seq_scheme.pdb_strand_id 
_pdbx_poly_seq_scheme.pdb_ins_code 
_pdbx_poly_seq_scheme.hetero 
A 1 1 DAL 1 1 1 DAL DAL A . n 
A 1 2 LEU 2 2 2 LEU LEU A . n 
A 1 3 ACB 3 3 3 ACB ACB A . n 
A 1 4 ARG 4 4 4 ARG ARG A . n 
A 1 5 1ZN 5 5 5 1ZN 1ZN A . n 
A 1 6 FGA 6 6 6 FGA FGA A . n 
A 1 7 DAM 7 7 7 DAM DAM A . n 
# 
_pdbx_molecule_features.prd_id    PRD_000212 
_pdbx_molecule_features.name      'Microcystin LR' 
_pdbx_molecule_features.type      Oligopeptide 
_pdbx_molecule_features.class     Toxin 
_pdbx_molecule_features.details   ? 
# 
_pdbx_molecule.instance_id   1 
_pdbx_molecule.prd_id        PRD_000212 
_pdbx_molecule.asym_id       A 
# 
_pdbx_struct_assembly.id                   1 
_pdbx_struct_assembly.details              author_defined_assembly 
_pdbx_struct_assembly.method_details       ? 
_pdbx_struct_assembly.oligomeric_details   monomeric 
_pdbx_struct_assembly.oligomeric_count     1 
# 
_pdbx_struct_assembly_gen.assembly_id       1 
_pdbx_struct_assembly_gen.oper_expression   1 
_pdbx_struct_assembly_gen.asym_id_list      A 
# 
_pdbx_struct_oper_list.id                   1 
_pdbx_struct_oper_list.type                 'identity operation' 
_pdbx_struct_oper_list.name                 1_555 
_pdbx_struct_oper_list.symmetry_operation   x,y,z 
_pdbx_struct_oper_list.matrix[1][1]         1.0000000000 
_pdbx_struct_oper_list.matrix[1][2]         0.0000000000 
_pdbx_struct_oper_list.matrix[1][3]         0.0000000000 
_pdbx_struct_oper_list.vector[1]            0.0000000000 
_pdbx_struct_oper_list.matrix[2][1]         0.0000000000 
_pdbx_struct_oper_list.matrix[2][2]         1.0000000000 
_pdbx_struct_oper_list.matrix[2][3]         0.0000000000 
_pdbx_struct_oper_list.vector[2]            0.0000000000 
_pdbx_struct_oper_list.matrix[3][1]         0.0000000000 
_pdbx_struct_oper_list.matrix[3][2]         0.0000000000 
_pdbx_struct_oper_list.matrix[3][3]         1.0000000000 
_pdbx_struct_oper_list.vector[3]            0.0000000000 
# 
loop_
_pdbx_audit_revision_history.ordinal 
_pdbx_audit_revision_history.data_content_type 
_pdbx_audit_revision_history.major_revision 
_pdbx_audit_revision_history.minor_revision 
_pdbx_audit_revision_history.revision_date 
1 'Structure model' 1 0 1996-11-08 
2 'Structure model' 1 1 2008-03-24 
3 'Structure model' 1 2 2011-07-13 
4 'Structure model' 1 3 2012-12-12 
5 'Structure model' 1 4 2023-07-05 
6 'Structure model' 1 5 2023-08-23 
7 'Structure model' 2 0 2023-11-15 
# 
_pdbx_audit_revision_details.ordinal             1 
_pdbx_audit_revision_details.revision_ordinal    1 
_pdbx_audit_revision_details.data_content_type   'Structure model' 
_pdbx_audit_revision_details.provider            repository 
_pdbx_audit_revision_details.type                'Initial release' 
_pdbx_audit_revision_details.description         ? 
_pdbx_audit_revision_details.details             ? 
# 
loop_
_pdbx_audit_revision_group.ordinal 
_pdbx_audit_revision_group.revision_ordinal 
_pdbx_audit_revision_group.data_content_type 
_pdbx_audit_revision_group.group 
1  2 'Structure model' 'Version format compliance' 
2  3 'Structure model' 'Database references'       
3  3 'Structure model' 'Derived calculations'      
4  3 'Structure model' 'Non-polymer description'   
5  3 'Structure model' 'Version format compliance' 
6  4 'Structure model' Other                       
7  5 'Structure model' Advisory                    
8  5 'Structure model' 'Data collection'           
9  5 'Structure model' 'Database references'       
10 5 'Structure model' 'Derived calculations'      
11 5 'Structure model' Other                       
12 6 'Structure model' 'Data collection'           
13 7 'Structure model' 'Atomic model'              
14 7 'Structure model' 'Data collection'           
15 7 'Structure model' 'Derived calculations'      
# 
loop_
_pdbx_audit_revision_category.ordinal 
_pdbx_audit_revision_category.revision_ordinal 
_pdbx_audit_revision_category.data_content_type 
_pdbx_audit_revision_category.category 
1  5 'Structure model' database_2                     
2  5 'Structure model' pdbx_database_status           
3  5 'Structure model' pdbx_unobs_or_zero_occ_atoms   
4  5 'Structure model' pdbx_validate_close_contact    
5  5 'Structure model' pdbx_validate_planes           
6  5 'Structure model' pdbx_validate_polymer_linkage  
7  5 'Structure model' struct_conn                    
8  6 'Structure model' chem_comp_atom                 
9  6 'Structure model' chem_comp_bond                 
10 6 'Structure model' pdbx_validate_planes           
11 7 'Structure model' atom_site                      
12 7 'Structure model' chem_comp_atom                 
13 7 'Structure model' chem_comp_bond                 
14 7 'Structure model' pdbx_validate_main_chain_plane 
15 7 'Structure model' pdbx_validate_peptide_omega    
16 7 'Structure model' struct_conn                    
# 
loop_
_pdbx_audit_revision_item.ordinal 
_pdbx_audit_revision_item.revision_ordinal 
_pdbx_audit_revision_item.data_content_type 
_pdbx_audit_revision_item.item 
1  5 'Structure model' '_database_2.pdbx_DOI'                
2  5 'Structure model' '_database_2.pdbx_database_accession' 
3  5 'Structure model' '_pdbx_database_status.process_site'  
4  5 'Structure model' '_pdbx_validate_planes.type'          
5  6 'Structure model' '_pdbx_validate_planes.type'          
6  7 'Structure model' '_atom_site.Cartn_x'                  
7  7 'Structure model' '_atom_site.Cartn_y'                  
8  7 'Structure model' '_atom_site.Cartn_z'                  
9  7 'Structure model' '_atom_site.auth_atom_id'             
10 7 'Structure model' '_atom_site.label_atom_id'            
11 7 'Structure model' '_chem_comp_atom.atom_id'             
12 7 'Structure model' '_chem_comp_bond.atom_id_1'           
13 7 'Structure model' '_chem_comp_bond.atom_id_2'           
14 7 'Structure model' '_struct_conn.ptnr1_label_atom_id'    
15 7 'Structure model' '_struct_conn.ptnr2_label_atom_id'    
# 
_pdbx_validate_close_contact.id               1 
_pdbx_validate_close_contact.PDB_model_num    1 
_pdbx_validate_close_contact.auth_atom_id_1   N 
_pdbx_validate_close_contact.auth_asym_id_1   A 
_pdbx_validate_close_contact.auth_comp_id_1   DAL 
_pdbx_validate_close_contact.auth_seq_id_1    1 
_pdbx_validate_close_contact.PDB_ins_code_1   ? 
_pdbx_validate_close_contact.label_alt_id_1   ? 
_pdbx_validate_close_contact.auth_atom_id_2   O 
_pdbx_validate_close_contact.auth_asym_id_2   A 
_pdbx_validate_close_contact.auth_comp_id_2   DAM 
_pdbx_validate_close_contact.auth_seq_id_2    7 
_pdbx_validate_close_contact.PDB_ins_code_2   ? 
_pdbx_validate_close_contact.label_alt_id_2   ? 
_pdbx_validate_close_contact.dist             2.18 
# 
_pdbx_validate_rmsd_angle.id                         1 
_pdbx_validate_rmsd_angle.PDB_model_num              1 
_pdbx_validate_rmsd_angle.auth_atom_id_1             NE 
_pdbx_validate_rmsd_angle.auth_asym_id_1             A 
_pdbx_validate_rmsd_angle.auth_comp_id_1             ARG 
_pdbx_validate_rmsd_angle.auth_seq_id_1              4 
_pdbx_validate_rmsd_angle.PDB_ins_code_1             ? 
_pdbx_validate_rmsd_angle.label_alt_id_1             ? 
_pdbx_validate_rmsd_angle.auth_atom_id_2             CZ 
_pdbx_validate_rmsd_angle.auth_asym_id_2             A 
_pdbx_validate_rmsd_angle.auth_comp_id_2             ARG 
_pdbx_validate_rmsd_angle.auth_seq_id_2              4 
_pdbx_validate_rmsd_angle.PDB_ins_code_2             ? 
_pdbx_validate_rmsd_angle.label_alt_id_2             ? 
_pdbx_validate_rmsd_angle.auth_atom_id_3             NH1 
_pdbx_validate_rmsd_angle.auth_asym_id_3             A 
_pdbx_validate_rmsd_angle.auth_comp_id_3             ARG 
_pdbx_validate_rmsd_angle.auth_seq_id_3              4 
_pdbx_validate_rmsd_angle.PDB_ins_code_3             ? 
_pdbx_validate_rmsd_angle.label_alt_id_3             ? 
_pdbx_validate_rmsd_angle.angle_value                124.73 
_pdbx_validate_rmsd_angle.angle_target_value         120.30 
_pdbx_validate_rmsd_angle.angle_deviation            4.43 
_pdbx_validate_rmsd_angle.angle_standard_deviation   0.50 
_pdbx_validate_rmsd_angle.linker_flag                N 
# 
_pdbx_validate_peptide_omega.id               1 
_pdbx_validate_peptide_omega.PDB_model_num    1 
_pdbx_validate_peptide_omega.auth_comp_id_1   1ZN 
_pdbx_validate_peptide_omega.auth_asym_id_1   A 
_pdbx_validate_peptide_omega.auth_seq_id_1    5 
_pdbx_validate_peptide_omega.PDB_ins_code_1   ? 
_pdbx_validate_peptide_omega.label_alt_id_1   ? 
_pdbx_validate_peptide_omega.auth_comp_id_2   FGA 
_pdbx_validate_peptide_omega.auth_asym_id_2   A 
_pdbx_validate_peptide_omega.auth_seq_id_2    6 
_pdbx_validate_peptide_omega.PDB_ins_code_2   ? 
_pdbx_validate_peptide_omega.label_alt_id_2   ? 
_pdbx_validate_peptide_omega.omega            142.67 
# 
_pdbx_validate_main_chain_plane.id                       1 
_pdbx_validate_main_chain_plane.PDB_model_num            1 
_pdbx_validate_main_chain_plane.auth_comp_id             1ZN 
_pdbx_validate_main_chain_plane.auth_asym_id             A 
_pdbx_validate_main_chain_plane.auth_seq_id              5 
_pdbx_validate_main_chain_plane.PDB_ins_code             ? 
_pdbx_validate_main_chain_plane.label_alt_id             ? 
_pdbx_validate_main_chain_plane.improper_torsion_angle   -17.99 
# 
_pdbx_validate_planes.id              1 
_pdbx_validate_planes.PDB_model_num   1 
_pdbx_validate_planes.auth_comp_id    ARG 
_pdbx_validate_planes.auth_asym_id    A 
_pdbx_validate_planes.auth_seq_id     4 
_pdbx_validate_planes.PDB_ins_code    ? 
_pdbx_validate_planes.label_alt_id    ? 
_pdbx_validate_planes.rmsd            0.107 
_pdbx_validate_planes.type            'SIDE CHAIN' 
# 
loop_
_chem_comp_atom.comp_id 
_chem_comp_atom.atom_id 
_chem_comp_atom.type_symbol 
_chem_comp_atom.pdbx_aromatic_flag 
_chem_comp_atom.pdbx_stereo_config 
_chem_comp_atom.pdbx_ordinal 
1ZN C1   C N N 1   
1ZN O1   O N N 2   
1ZN C2   C N S 3   
1ZN C3   C N N 4   
1ZN C4   C Y N 5   
1ZN C5   C Y N 6   
1ZN C6   C Y N 7   
1ZN C7   C Y N 8   
1ZN C8   C Y N 9   
1ZN C9   C Y N 10  
1ZN C10  C N S 11  
1ZN C11  C N N 12  
1ZN C12  C N N 13  
1ZN C13  C N N 14  
1ZN C14  C N N 15  
1ZN C15  C N N 16  
1ZN C16  C N N 17  
1ZN CA   C N S 18  
1ZN N    N N N 19  
1ZN C18  C N S 20  
1ZN C19  C N N 21  
1ZN C    C N N 22  
1ZN OXT  O N N 23  
1ZN O    O N N 24  
1ZN H1   H N N 25  
1ZN H29  H N N 26  
1ZN H3   H N N 27  
1ZN H4   H N N 28  
1ZN H5   H N N 29  
1ZN H6   H N N 30  
1ZN H7   H N N 31  
1ZN H8   H N N 32  
1ZN H9   H N N 33  
1ZN H10  H N N 34  
1ZN H11  H N N 35  
1ZN H12  H N N 36  
1ZN H13  H N N 37  
1ZN H14  H N N 38  
1ZN H15  H N N 39  
1ZN H16  H N N 40  
1ZN H17  H N N 41  
1ZN H18  H N N 42  
1ZN H19  H N N 43  
1ZN H20  H N N 44  
1ZN H21  H N N 45  
1ZN HA   H N N 46  
1ZN H    H N N 47  
1ZN H2   H N N 48  
1ZN H25  H N N 49  
1ZN H26  H N N 50  
1ZN H27  H N N 51  
1ZN H28  H N N 52  
1ZN HXT  H N N 53  
ACB C    C N N 54  
ACB O    O N N 55  
ACB OXT  O N N 56  
ACB CA   C N R 57  
ACB N    N N N 58  
ACB CB   C N S 59  
ACB CG   C N N 60  
ACB OD1  O N N 61  
ACB C4   C N N 62  
ACB OD2  O N N 63  
ACB HXT  H N N 64  
ACB HA   H N N 65  
ACB H    H N N 66  
ACB H2   H N N 67  
ACB HB3  H N N 68  
ACB H41  H N N 69  
ACB H42  H N N 70  
ACB H43  H N N 71  
ACB HD2  H N N 72  
ARG N    N N N 73  
ARG CA   C N S 74  
ARG C    C N N 75  
ARG O    O N N 76  
ARG CB   C N N 77  
ARG CG   C N N 78  
ARG CD   C N N 79  
ARG NE   N N N 80  
ARG CZ   C N N 81  
ARG NH1  N N N 82  
ARG NH2  N N N 83  
ARG OXT  O N N 84  
ARG H    H N N 85  
ARG H2   H N N 86  
ARG HA   H N N 87  
ARG HB2  H N N 88  
ARG HB3  H N N 89  
ARG HG2  H N N 90  
ARG HG3  H N N 91  
ARG HD2  H N N 92  
ARG HD3  H N N 93  
ARG HE   H N N 94  
ARG HH11 H N N 95  
ARG HH12 H N N 96  
ARG HH21 H N N 97  
ARG HH22 H N N 98  
ARG HXT  H N N 99  
DAL N    N N N 100 
DAL CA   C N R 101 
DAL CB   C N N 102 
DAL C    C N N 103 
DAL O    O N N 104 
DAL OXT  O N N 105 
DAL H    H N N 106 
DAL H2   H N N 107 
DAL HA   H N N 108 
DAL HB1  H N N 109 
DAL HB2  H N N 110 
DAL HB3  H N N 111 
DAL HXT  H N N 112 
DAM N    N N N 113 
DAM CM   C N N 114 
DAM CA   C N N 115 
DAM CB   C N N 116 
DAM C    C N N 117 
DAM O    O N N 118 
DAM OXT  O N N 119 
DAM H    H N N 120 
DAM HM1  H N N 121 
DAM HM2  H N N 122 
DAM HM3  H N N 123 
DAM HB1  H N N 124 
DAM HB2  H N N 125 
DAM HXT  H N N 126 
FGA N    N N N 127 
FGA CA   C N R 128 
FGA C    C N N 129 
FGA O    O N N 130 
FGA CB   C N N 131 
FGA CG   C N N 132 
FGA CD   C N N 133 
FGA OE1  O N N 134 
FGA OE2  O N N 135 
FGA OXT  O N N 136 
FGA H    H N N 137 
FGA H2   H N N 138 
FGA HA   H N N 139 
FGA HB2  H N N 140 
FGA HB3  H N N 141 
FGA HG2  H N N 142 
FGA HG3  H N N 143 
FGA HE2  H N N 144 
FGA HXT  H N N 145 
LEU N    N N N 146 
LEU CA   C N S 147 
LEU C    C N N 148 
LEU O    O N N 149 
LEU CB   C N N 150 
LEU CG   C N N 151 
LEU CD1  C N N 152 
LEU CD2  C N N 153 
LEU OXT  O N N 154 
LEU H    H N N 155 
LEU H2   H N N 156 
LEU HA   H N N 157 
LEU HB2  H N N 158 
LEU HB3  H N N 159 
LEU HG   H N N 160 
LEU HD11 H N N 161 
LEU HD12 H N N 162 
LEU HD13 H N N 163 
LEU HD21 H N N 164 
LEU HD22 H N N 165 
LEU HD23 H N N 166 
LEU HXT  H N N 167 
# 
loop_
_chem_comp_bond.comp_id 
_chem_comp_bond.atom_id_1 
_chem_comp_bond.atom_id_2 
_chem_comp_bond.value_order 
_chem_comp_bond.pdbx_aromatic_flag 
_chem_comp_bond.pdbx_stereo_config 
_chem_comp_bond.pdbx_ordinal 
1ZN C1  O1   sing N N 1   
1ZN O1  C2   sing N N 2   
1ZN C2  C3   sing N N 3   
1ZN C3  C4   sing N N 4   
1ZN C4  C5   doub Y N 5   
1ZN C5  C6   sing Y N 6   
1ZN C6  C7   doub Y N 7   
1ZN C7  C8   sing Y N 8   
1ZN C8  C9   doub Y N 9   
1ZN C4  C9   sing Y N 10  
1ZN C2  C10  sing N N 11  
1ZN C10 C11  sing N N 12  
1ZN C10 C12  sing N N 13  
1ZN C12 C13  doub N N 14  
1ZN C13 C14  sing N N 15  
1ZN C13 C15  sing N N 16  
1ZN C15 C16  doub N N 17  
1ZN C16 CA   sing N N 18  
1ZN CA  N    sing N N 19  
1ZN CA  C18  sing N N 20  
1ZN C18 C19  sing N N 21  
1ZN C18 C    sing N N 22  
1ZN C   OXT  sing N N 23  
1ZN C   O    doub N N 24  
1ZN C1  H1   sing N N 25  
1ZN C1  H29  sing N N 26  
1ZN C1  H3   sing N N 27  
1ZN C2  H4   sing N N 28  
1ZN C3  H5   sing N E 29  
1ZN C3  H6   sing N N 30  
1ZN C5  H7   sing N N 31  
1ZN C6  H8   sing N N 32  
1ZN C7  H9   sing N N 33  
1ZN C8  H10  sing N N 34  
1ZN C9  H11  sing N N 35  
1ZN C10 H12  sing N E 36  
1ZN C11 H13  sing N N 37  
1ZN C11 H14  sing N N 38  
1ZN C11 H15  sing N N 39  
1ZN C12 H16  sing N N 40  
1ZN C14 H17  sing N N 41  
1ZN C14 H18  sing N N 42  
1ZN C14 H19  sing N N 43  
1ZN C15 H20  sing N N 44  
1ZN C16 H21  sing N N 45  
1ZN CA  HA   sing N N 46  
1ZN N   H    sing N N 47  
1ZN N   H2   sing N N 48  
1ZN C18 H25  sing N N 49  
1ZN C19 H26  sing N N 50  
1ZN C19 H27  sing N N 51  
1ZN C19 H28  sing N N 52  
1ZN OXT HXT  sing N N 53  
ACB C   O    doub N N 54  
ACB C   OXT  sing N N 55  
ACB C   CA   sing N N 56  
ACB OXT HXT  sing N N 57  
ACB CA  N    sing N N 58  
ACB CA  CB   sing N N 59  
ACB CA  HA   sing N N 60  
ACB N   H    sing N N 61  
ACB N   H2   sing N N 62  
ACB CB  CG   sing N N 63  
ACB CB  C4   sing N N 64  
ACB CB  HB3  sing N N 65  
ACB CG  OD1  doub N N 66  
ACB CG  OD2  sing N N 67  
ACB C4  H41  sing N N 68  
ACB C4  H42  sing N N 69  
ACB C4  H43  sing N N 70  
ACB OD2 HD2  sing N N 71  
ARG N   CA   sing N N 72  
ARG N   H    sing N N 73  
ARG N   H2   sing N N 74  
ARG CA  C    sing N N 75  
ARG CA  CB   sing N N 76  
ARG CA  HA   sing N N 77  
ARG C   O    doub N N 78  
ARG C   OXT  sing N N 79  
ARG CB  CG   sing N N 80  
ARG CB  HB2  sing N N 81  
ARG CB  HB3  sing N N 82  
ARG CG  CD   sing N N 83  
ARG CG  HG2  sing N N 84  
ARG CG  HG3  sing N N 85  
ARG CD  NE   sing N N 86  
ARG CD  HD2  sing N N 87  
ARG CD  HD3  sing N N 88  
ARG NE  CZ   sing N N 89  
ARG NE  HE   sing N N 90  
ARG CZ  NH1  sing N N 91  
ARG CZ  NH2  doub N N 92  
ARG NH1 HH11 sing N N 93  
ARG NH1 HH12 sing N N 94  
ARG NH2 HH21 sing N N 95  
ARG NH2 HH22 sing N N 96  
ARG OXT HXT  sing N N 97  
DAL N   CA   sing N N 98  
DAL N   H    sing N N 99  
DAL N   H2   sing N N 100 
DAL CA  CB   sing N N 101 
DAL CA  C    sing N N 102 
DAL CA  HA   sing N N 103 
DAL CB  HB1  sing N N 104 
DAL CB  HB2  sing N N 105 
DAL CB  HB3  sing N N 106 
DAL C   O    doub N N 107 
DAL C   OXT  sing N N 108 
DAL OXT HXT  sing N N 109 
DAM N   CM   sing N N 110 
DAM N   CA   sing N N 111 
DAM N   H    sing N N 112 
DAM CM  HM1  sing N N 113 
DAM CM  HM2  sing N N 114 
DAM CM  HM3  sing N N 115 
DAM CA  CB   doub N N 116 
DAM CA  C    sing N N 117 
DAM CB  HB1  sing N N 118 
DAM CB  HB2  sing N N 119 
DAM C   O    doub N N 120 
DAM C   OXT  sing N N 121 
DAM OXT HXT  sing N N 122 
FGA N   CA   sing N N 123 
FGA N   H    sing N N 124 
FGA N   H2   sing N N 125 
FGA CA  C    sing N N 126 
FGA CA  CB   sing N N 127 
FGA CA  HA   sing N N 128 
FGA C   O    doub N N 129 
FGA C   OXT  sing N N 130 
FGA CB  CG   sing N N 131 
FGA CB  HB2  sing N N 132 
FGA CB  HB3  sing N N 133 
FGA CG  CD   sing N N 134 
FGA CG  HG2  sing N N 135 
FGA CG  HG3  sing N N 136 
FGA CD  OE1  doub N N 137 
FGA CD  OE2  sing N N 138 
FGA OE2 HE2  sing N N 139 
FGA OXT HXT  sing N N 140 
LEU N   CA   sing N N 141 
LEU N   H    sing N N 142 
LEU N   H2   sing N N 143 
LEU CA  C    sing N N 144 
LEU CA  CB   sing N N 145 
LEU CA  HA   sing N N 146 
LEU C   O    doub N N 147 
LEU C   OXT  sing N N 148 
LEU CB  CG   sing N N 149 
LEU CB  HB2  sing N N 150 
LEU CB  HB3  sing N N 151 
LEU CG  CD1  sing N N 152 
LEU CG  CD2  sing N N 153 
LEU CG  HG   sing N N 154 
LEU CD1 HD11 sing N N 155 
LEU CD1 HD12 sing N N 156 
LEU CD1 HD13 sing N N 157 
LEU CD2 HD21 sing N N 158 
LEU CD2 HD22 sing N N 159 
LEU CD2 HD23 sing N N 160 
LEU OXT HXT  sing N N 161 
# 
